data_4MJ4
#
_entry.id   4MJ4
#
_cell.length_a   63.335
_cell.length_b   70.507
_cell.length_c   67.303
_cell.angle_alpha   90.00
_cell.angle_beta   92.10
_cell.angle_gamma   90.00
#
_symmetry.space_group_name_H-M   'P 1 21 1'
#
loop_
_entity.id
_entity.type
_entity.pdbx_description
1 polymer Alpha-L-iduronidase
2 branched alpha-D-mannopyranose-(1-3)-[alpha-D-mannopyranose-(1-6)]beta-D-mannopyranose-(1-4)-2-acetamido-2-deoxy-beta-D-glucopyranose-(1-4)-2-acetamido-2-deoxy-beta-D-glucopyranose
3 non-polymer GLYCEROL
4 non-polymer 2-acetamido-2-deoxy-beta-D-glucopyranose
5 non-polymer 'CHLORIDE ION'
6 water water
#
_entity_poly.entity_id   1
_entity_poly.type   'polypeptide(L)'
_entity_poly.pdbx_seq_one_letter_code
;MRPLRPRAALLALLASLLAAPPVAPAEAPHLVQVDAARALWPLRRFWRSTGFCPPLPHSQADPYVLSWDQQLNLAYVGAV
PHRGIKQVRTHWLLELVTTRGSTGQGLSYNFTHLDGYLDLLRENQLLPGFELMGSASGHFTDFEDKQQVFEWKDLVSSLA
RRYIGRYGLAHVSKWNFETWNEPDHHDFDNVSMTMQGFLNYYDACSEGLRAASPALRLGGPGDSFHTPPRSPLSWGLLRH
CHDGTNFFTGEAGVRLDYISLHRKGARSSISILEQEKVVAQQIRQLFPKFADTPIYNDEADPLVGWSLPQPWRADVTYAA
MVVKVIAQHQNLLLANTTSAFPYALLSNDNAFLSYHPHPFAQRTLTARFQVNNTRPPHVQLLRKPVLTAMGLLALLDEEQ
LWAEVSQAGTVLDSNHTVGVLASAHRPQGPADAWRAAVLIYASDDTRAHPNRSVAVTLRLRGVPPGPGLVYVTRYLDNGL
CSPDGEWRRLGRPVFPTAEQFRRMRAAEDPVAAAPRPLPAGGRLTLRPALRLPSLLLVHVCARPEKPPGQVTRLRALPLT
QGQLVLVWSDEHVGSKCLWTYEIQFSQDGKAYTPVSRKPSTFNLFVFSPDTGAVSGSYRVRALDYWARPGPFSDPVPYLE
VPVPRGPPSPGNP
;
_entity_poly.pdbx_strand_id   A
#
# COMPACT_ATOMS: atom_id res chain seq x y z
N GLU A 27 -29.77 4.47 -1.55
CA GLU A 27 -29.65 4.83 -2.99
C GLU A 27 -30.72 4.16 -3.83
N ALA A 28 -31.15 4.84 -4.90
CA ALA A 28 -32.02 4.25 -5.92
C ALA A 28 -31.22 3.23 -6.74
N PRO A 29 -31.90 2.37 -7.53
CA PRO A 29 -31.21 1.35 -8.35
C PRO A 29 -30.13 1.90 -9.28
N HIS A 30 -28.98 1.23 -9.30
CA HIS A 30 -27.86 1.62 -10.16
C HIS A 30 -27.58 0.55 -11.19
N LEU A 31 -27.42 0.96 -12.43
CA LEU A 31 -26.92 0.07 -13.47
C LEU A 31 -25.42 0.26 -13.65
N VAL A 32 -24.66 -0.83 -13.56
CA VAL A 32 -23.24 -0.82 -13.85
C VAL A 32 -22.99 -1.70 -15.08
N GLN A 33 -22.52 -1.07 -16.16
CA GLN A 33 -22.23 -1.78 -17.39
C GLN A 33 -20.73 -1.84 -17.61
N VAL A 34 -20.22 -3.03 -17.88
CA VAL A 34 -18.81 -3.20 -18.24
C VAL A 34 -18.72 -3.88 -19.60
N ASP A 35 -17.88 -3.33 -20.47
CA ASP A 35 -17.64 -3.90 -21.78
C ASP A 35 -16.22 -4.45 -21.85
N ALA A 36 -16.11 -5.77 -21.70
CA ALA A 36 -14.81 -6.44 -21.69
C ALA A 36 -14.18 -6.51 -23.09
N ALA A 37 -14.98 -6.22 -24.11
CA ALA A 37 -14.49 -6.14 -25.49
C ALA A 37 -13.90 -4.75 -25.80
N ARG A 38 -13.99 -3.83 -24.84
CA ARG A 38 -13.61 -2.44 -25.07
C ARG A 38 -12.55 -1.95 -24.08
N ALA A 39 -11.30 -2.32 -24.35
CA ALA A 39 -10.16 -1.81 -23.58
C ALA A 39 -9.86 -0.39 -24.06
N LEU A 40 -9.62 0.51 -23.11
CA LEU A 40 -9.52 1.93 -23.43
C LEU A 40 -8.07 2.45 -23.45
N TRP A 41 -7.36 2.23 -22.36
CA TRP A 41 -6.01 2.76 -22.15
C TRP A 41 -5.39 1.98 -20.99
N PRO A 42 -4.09 2.24 -20.70
CA PRO A 42 -3.47 1.62 -19.53
C PRO A 42 -4.12 1.98 -18.20
N LEU A 43 -4.09 1.03 -17.26
CA LEU A 43 -4.44 1.30 -15.88
C LEU A 43 -3.19 1.06 -15.03
N ARG A 44 -2.50 2.15 -14.71
CA ARG A 44 -1.29 2.10 -13.91
C ARG A 44 -1.65 1.91 -12.44
N ARG A 45 -0.87 1.09 -11.74
CA ARG A 45 -1.11 0.85 -10.32
C ARG A 45 -0.36 1.88 -9.47
N PHE A 46 -0.89 3.11 -9.45
CA PHE A 46 -0.21 4.28 -8.90
C PHE A 46 -0.36 4.46 -7.39
N TRP A 47 -1.09 3.54 -6.77
CA TRP A 47 -1.54 3.71 -5.38
C TRP A 47 -0.82 2.78 -4.39
N ARG A 48 0.19 2.06 -4.85
CA ARG A 48 0.77 0.97 -4.07
C ARG A 48 1.81 1.43 -3.05
N SER A 49 1.40 2.40 -2.24
CA SER A 49 2.30 3.00 -1.28
C SER A 49 1.62 3.20 0.08
N THR A 50 2.42 3.10 1.12
CA THR A 50 1.99 3.45 2.46
C THR A 50 3.11 4.23 3.13
N GLY A 51 2.91 4.60 4.40
CA GLY A 51 3.94 5.31 5.16
C GLY A 51 3.67 5.38 6.64
N PHE A 52 4.70 5.72 7.41
CA PHE A 52 4.57 5.93 8.85
C PHE A 52 5.74 6.74 9.42
N CYS A 53 5.54 7.23 10.64
CA CYS A 53 6.51 8.01 11.37
C CYS A 53 6.75 7.36 12.74
N PRO A 54 8.02 6.99 13.03
CA PRO A 54 8.39 6.38 14.32
C PRO A 54 8.07 7.29 15.51
N ASP A 62 17.34 -0.13 21.21
CA ASP A 62 16.61 -0.74 20.11
C ASP A 62 15.53 0.21 19.59
N PRO A 63 15.68 0.69 18.34
CA PRO A 63 14.71 1.61 17.75
C PRO A 63 13.33 1.01 17.50
N TYR A 64 12.35 1.89 17.36
CA TYR A 64 10.94 1.53 17.12
C TYR A 64 10.76 0.69 15.86
N VAL A 65 11.57 0.98 14.83
CA VAL A 65 11.46 0.33 13.53
C VAL A 65 11.98 -1.12 13.50
N LEU A 66 12.75 -1.49 14.54
CA LEU A 66 13.32 -2.85 14.64
C LEU A 66 12.60 -3.73 15.66
N SER A 67 11.56 -3.19 16.27
CA SER A 67 10.75 -3.92 17.25
C SER A 67 9.98 -5.06 16.60
N TRP A 68 9.62 -6.06 17.40
CA TRP A 68 8.86 -7.20 16.92
C TRP A 68 7.51 -6.78 16.33
N ASP A 69 6.94 -5.72 16.89
CA ASP A 69 5.71 -5.10 16.40
C ASP A 69 5.88 -4.68 14.94
N GLN A 70 6.94 -3.93 14.67
CA GLN A 70 7.21 -3.42 13.32
C GLN A 70 7.56 -4.54 12.35
N GLN A 71 8.22 -5.59 12.85
CA GLN A 71 8.54 -6.76 12.04
C GLN A 71 7.29 -7.53 11.61
N LEU A 72 6.31 -7.61 12.49
CA LEU A 72 5.01 -8.19 12.15
C LEU A 72 4.25 -7.28 11.21
N ASN A 73 4.32 -5.97 11.47
CA ASN A 73 3.60 -4.99 10.67
C ASN A 73 4.00 -5.05 9.21
N LEU A 74 5.30 -5.15 8.96
CA LEU A 74 5.83 -5.14 7.61
C LEU A 74 5.64 -6.48 6.90
N ALA A 75 5.57 -7.56 7.68
CA ALA A 75 5.14 -8.85 7.14
C ALA A 75 3.70 -8.80 6.63
N TYR A 76 2.83 -8.10 7.36
CA TYR A 76 1.43 -7.88 6.95
C TYR A 76 1.32 -6.99 5.72
N VAL A 77 2.10 -5.90 5.70
CA VAL A 77 2.16 -4.98 4.56
C VAL A 77 2.65 -5.73 3.30
N GLY A 78 3.68 -6.54 3.46
CA GLY A 78 4.22 -7.33 2.35
C GLY A 78 3.35 -8.51 1.94
N ALA A 79 2.33 -8.83 2.74
CA ALA A 79 1.49 -10.00 2.48
C ALA A 79 0.33 -9.70 1.53
N VAL A 80 0.08 -8.42 1.25
CA VAL A 80 -0.86 -8.04 0.19
C VAL A 80 -0.38 -8.67 -1.11
N PRO A 81 -1.23 -9.50 -1.74
CA PRO A 81 -0.84 -10.23 -2.95
C PRO A 81 -0.44 -9.33 -4.13
N HIS A 82 0.37 -9.87 -5.03
CA HIS A 82 0.74 -9.22 -6.29
C HIS A 82 1.28 -7.80 -6.10
N ARG A 83 2.22 -7.67 -5.15
CA ARG A 83 2.87 -6.40 -4.82
C ARG A 83 1.89 -5.26 -4.60
N GLY A 84 0.80 -5.57 -3.90
CA GLY A 84 -0.29 -4.63 -3.65
C GLY A 84 0.14 -3.35 -2.95
N ILE A 85 1.13 -3.47 -2.07
CA ILE A 85 1.84 -2.32 -1.51
C ILE A 85 3.32 -2.53 -1.77
N LYS A 86 3.96 -1.54 -2.38
CA LYS A 86 5.35 -1.61 -2.80
C LYS A 86 6.24 -0.69 -1.97
N GLN A 87 5.78 0.53 -1.75
CA GLN A 87 6.56 1.54 -1.07
C GLN A 87 6.10 1.75 0.37
N VAL A 88 7.08 1.87 1.28
CA VAL A 88 6.83 2.30 2.65
C VAL A 88 7.61 3.58 2.90
N ARG A 89 6.90 4.71 2.91
CA ARG A 89 7.49 6.02 3.13
C ARG A 89 7.77 6.20 4.62
N THR A 90 9.04 6.29 4.99
CA THR A 90 9.45 6.22 6.39
C THR A 90 10.17 7.49 6.84
N HIS A 91 9.68 8.08 7.92
CA HIS A 91 10.26 9.28 8.51
C HIS A 91 11.48 8.93 9.37
N TRP A 92 12.38 9.90 9.51
CA TRP A 92 13.51 9.83 10.46
C TRP A 92 14.51 8.70 10.21
N LEU A 93 14.66 8.31 8.95
CA LEU A 93 15.57 7.21 8.61
C LEU A 93 17.02 7.50 9.01
N LEU A 94 17.41 8.77 9.01
CA LEU A 94 18.78 9.16 9.34
C LEU A 94 19.01 9.37 10.83
N GLU A 95 17.97 9.19 11.64
CA GLU A 95 18.15 9.08 13.08
C GLU A 95 18.59 7.66 13.44
N LEU A 96 18.53 6.76 12.46
CA LEU A 96 19.04 5.39 12.60
C LEU A 96 20.55 5.31 12.36
N VAL A 97 21.16 6.44 12.00
CA VAL A 97 22.60 6.51 11.77
C VAL A 97 23.27 7.26 12.92
N THR A 98 24.38 6.73 13.42
CA THR A 98 25.19 7.42 14.43
C THR A 98 26.53 7.86 13.83
N THR A 99 27.14 8.87 14.42
CA THR A 99 28.37 9.45 13.90
C THR A 99 29.56 9.15 14.82
N ARG A 100 30.72 8.95 14.22
CA ARG A 100 31.97 8.80 14.97
C ARG A 100 32.97 9.87 14.57
N GLY A 101 33.75 10.35 15.54
CA GLY A 101 34.69 11.45 15.33
C GLY A 101 34.00 12.78 15.12
N SER A 102 34.71 13.73 14.52
CA SER A 102 34.16 15.05 14.20
C SER A 102 34.82 15.62 12.96
N LEU A 107 35.58 11.64 10.16
CA LEU A 107 34.13 11.61 10.34
C LEU A 107 33.50 10.42 9.62
N SER A 108 33.08 9.42 10.39
CA SER A 108 32.48 8.20 9.85
C SER A 108 31.08 7.96 10.40
N TYR A 109 30.38 7.00 9.80
CA TYR A 109 29.00 6.71 10.17
C TYR A 109 28.76 5.23 10.46
N ASN A 110 27.98 4.96 11.49
CA ASN A 110 27.54 3.61 11.82
C ASN A 110 26.13 3.40 11.29
N PHE A 111 25.99 2.42 10.40
CA PHE A 111 24.74 2.19 9.68
C PHE A 111 23.93 1.01 10.19
N THR A 112 24.40 0.38 11.26
CA THR A 112 23.79 -0.86 11.79
C THR A 112 22.26 -0.84 11.88
N HIS A 113 21.71 0.21 12.48
CA HIS A 113 20.25 0.29 12.66
C HIS A 113 19.51 0.56 11.36
N LEU A 114 20.14 1.29 10.45
CA LEU A 114 19.58 1.52 9.14
C LEU A 114 19.64 0.24 8.32
N ASP A 115 20.75 -0.47 8.41
CA ASP A 115 20.89 -1.80 7.81
C ASP A 115 19.71 -2.69 8.22
N GLY A 116 19.48 -2.77 9.53
CA GLY A 116 18.39 -3.58 10.08
C GLY A 116 17.04 -3.27 9.47
N TYR A 117 16.70 -1.99 9.40
CA TYR A 117 15.39 -1.59 8.90
C TYR A 117 15.23 -1.90 7.42
N LEU A 118 16.24 -1.53 6.64
CA LEU A 118 16.21 -1.75 5.19
C LEU A 118 16.27 -3.22 4.82
N ASP A 119 16.97 -4.03 5.63
CA ASP A 119 16.98 -5.48 5.47
C ASP A 119 15.58 -6.03 5.73
N LEU A 120 14.92 -5.47 6.73
CA LEU A 120 13.55 -5.81 7.08
C LEU A 120 12.58 -5.54 5.91
N LEU A 121 12.72 -4.37 5.29
CA LEU A 121 11.91 -4.03 4.12
C LEU A 121 12.18 -4.99 2.96
N ARG A 122 13.47 -5.20 2.68
CA ARG A 122 13.92 -6.08 1.60
C ARG A 122 13.36 -7.49 1.74
N GLU A 123 13.40 -8.01 2.97
CA GLU A 123 12.90 -9.35 3.28
C GLU A 123 11.40 -9.47 2.96
N ASN A 124 10.67 -8.39 3.16
CA ASN A 124 9.25 -8.34 2.86
C ASN A 124 8.94 -7.86 1.44
N GLN A 125 9.99 -7.76 0.63
CA GLN A 125 9.92 -7.27 -0.75
C GLN A 125 9.27 -5.89 -0.86
N LEU A 126 9.60 -5.02 0.09
CA LEU A 126 9.11 -3.64 0.10
C LEU A 126 10.25 -2.66 -0.22
N LEU A 127 9.88 -1.46 -0.64
CA LEU A 127 10.84 -0.42 -0.95
C LEU A 127 10.66 0.76 0.00
N PRO A 128 11.78 1.37 0.44
CA PRO A 128 11.64 2.56 1.27
C PRO A 128 11.30 3.79 0.45
N GLY A 129 10.35 4.58 0.94
CA GLY A 129 10.21 5.96 0.50
C GLY A 129 11.27 6.66 1.30
N PHE A 130 12.47 6.76 0.73
CA PHE A 130 13.65 7.16 1.50
C PHE A 130 13.73 8.66 1.70
N GLU A 131 13.05 9.15 2.73
CA GLU A 131 13.15 10.55 3.14
C GLU A 131 14.52 10.78 3.78
N LEU A 132 15.26 11.76 3.26
CA LEU A 132 16.58 12.09 3.77
C LEU A 132 16.43 13.00 4.99
N MET A 133 15.98 12.40 6.09
CA MET A 133 15.42 13.09 7.23
C MET A 133 16.06 12.57 8.51
N GLY A 134 16.66 13.47 9.28
CA GLY A 134 17.36 13.10 10.50
C GLY A 134 18.66 13.86 10.68
N SER A 135 19.23 13.79 11.88
CA SER A 135 20.43 14.55 12.22
C SER A 135 21.67 13.68 12.43
N ALA A 136 21.58 12.40 12.03
CA ALA A 136 22.63 11.42 12.26
C ALA A 136 23.02 11.39 13.73
N SER A 137 22.00 11.21 14.57
CA SER A 137 22.14 11.13 16.03
C SER A 137 22.78 12.38 16.67
N GLY A 138 22.37 13.55 16.18
CA GLY A 138 22.74 14.81 16.79
C GLY A 138 23.93 15.54 16.18
N HIS A 139 24.48 14.99 15.11
CA HIS A 139 25.64 15.59 14.47
C HIS A 139 25.29 16.83 13.65
N PHE A 140 24.18 16.76 12.91
CA PHE A 140 23.77 17.88 12.05
C PHE A 140 22.82 18.83 12.76
N THR A 141 23.13 20.12 12.69
CA THR A 141 22.44 21.16 13.45
C THR A 141 22.10 22.41 12.65
N ASP A 142 22.87 22.69 11.59
CA ASP A 142 22.74 23.94 10.85
C ASP A 142 23.17 23.79 9.38
N PHE A 143 22.21 24.02 8.48
CA PHE A 143 22.47 23.89 7.04
C PHE A 143 22.82 25.21 6.34
N GLU A 144 23.21 26.20 7.14
CA GLU A 144 23.86 27.40 6.63
C GLU A 144 25.34 27.41 7.03
N ASP A 145 25.71 26.38 7.79
CA ASP A 145 27.11 26.08 8.11
C ASP A 145 27.69 25.34 6.90
N LYS A 146 28.62 25.99 6.20
CA LYS A 146 29.17 25.45 4.95
C LYS A 146 29.79 24.06 5.14
N GLN A 147 30.50 23.87 6.25
CA GLN A 147 31.12 22.59 6.60
C GLN A 147 30.08 21.46 6.68
N GLN A 148 28.95 21.73 7.32
CA GLN A 148 27.90 20.72 7.50
C GLN A 148 27.21 20.37 6.19
N VAL A 149 27.00 21.37 5.33
CA VAL A 149 26.42 21.15 4.00
C VAL A 149 27.29 20.18 3.18
N PHE A 150 28.60 20.35 3.25
CA PHE A 150 29.54 19.44 2.60
C PHE A 150 29.55 18.06 3.24
N GLU A 151 29.38 18.01 4.56
CA GLU A 151 29.35 16.74 5.29
C GLU A 151 28.07 15.97 5.00
N TRP A 152 26.97 16.69 4.84
CA TRP A 152 25.68 16.08 4.50
C TRP A 152 25.78 15.36 3.15
N LYS A 153 26.35 16.04 2.16
CA LYS A 153 26.57 15.47 0.82
C LYS A 153 27.37 14.18 0.89
N ASP A 154 28.42 14.19 1.70
CA ASP A 154 29.27 13.02 1.95
C ASP A 154 28.47 11.86 2.55
N LEU A 155 27.61 12.18 3.52
CA LEU A 155 26.76 11.18 4.17
C LEU A 155 25.79 10.53 3.17
N VAL A 156 25.13 11.36 2.38
CA VAL A 156 24.16 10.90 1.38
C VAL A 156 24.83 9.99 0.35
N SER A 157 26.00 10.39 -0.14
CA SER A 157 26.73 9.59 -1.11
C SER A 157 27.19 8.25 -0.51
N SER A 158 27.70 8.29 0.71
CA SER A 158 28.17 7.08 1.39
C SER A 158 27.05 6.10 1.71
N LEU A 159 25.87 6.60 2.05
CA LEU A 159 24.74 5.73 2.34
C LEU A 159 24.13 5.10 1.07
N ALA A 160 24.04 5.90 0.01
CA ALA A 160 23.57 5.41 -1.28
C ALA A 160 24.51 4.33 -1.85
N ARG A 161 25.81 4.60 -1.81
CA ARG A 161 26.83 3.62 -2.21
C ARG A 161 26.78 2.33 -1.39
N ARG A 162 26.54 2.47 -0.09
CA ARG A 162 26.42 1.33 0.80
C ARG A 162 25.29 0.40 0.35
N TYR A 163 24.13 0.97 0.07
CA TYR A 163 22.96 0.16 -0.23
C TYR A 163 22.86 -0.27 -1.69
N ILE A 164 23.52 0.47 -2.57
CA ILE A 164 23.77 0.00 -3.93
C ILE A 164 24.63 -1.26 -3.82
N GLY A 165 25.64 -1.21 -2.96
CA GLY A 165 26.49 -2.37 -2.69
C GLY A 165 25.71 -3.51 -2.08
N ARG A 166 24.82 -3.19 -1.13
CA ARG A 166 24.08 -4.22 -0.41
C ARG A 166 22.98 -4.88 -1.25
N TYR A 167 22.28 -4.09 -2.07
CA TYR A 167 21.12 -4.62 -2.80
C TYR A 167 21.28 -4.63 -4.32
N GLY A 168 22.24 -3.87 -4.82
CA GLY A 168 22.45 -3.76 -6.26
C GLY A 168 21.89 -2.45 -6.77
N LEU A 169 22.49 -1.94 -7.85
CA LEU A 169 22.08 -0.66 -8.42
C LEU A 169 20.63 -0.65 -8.89
N ALA A 170 20.22 -1.70 -9.61
CA ALA A 170 18.87 -1.80 -10.17
C ALA A 170 17.79 -1.70 -9.10
N HIS A 171 18.05 -2.34 -7.95
CA HIS A 171 17.10 -2.29 -6.86
C HIS A 171 17.00 -0.90 -6.25
N VAL A 172 18.14 -0.30 -5.91
CA VAL A 172 18.16 1.03 -5.28
C VAL A 172 17.67 2.13 -6.23
N SER A 173 17.80 1.91 -7.52
CA SER A 173 17.30 2.82 -8.55
C SER A 173 15.78 3.00 -8.49
N LYS A 174 15.09 2.02 -7.92
CA LYS A 174 13.63 2.03 -7.80
C LYS A 174 13.15 2.89 -6.63
N TRP A 175 14.05 3.14 -5.68
CA TRP A 175 13.71 3.89 -4.47
C TRP A 175 13.44 5.36 -4.76
N ASN A 176 12.36 5.87 -4.18
CA ASN A 176 12.08 7.30 -4.23
C ASN A 176 12.80 7.97 -3.07
N PHE A 177 13.92 8.62 -3.36
CA PHE A 177 14.59 9.45 -2.35
C PHE A 177 13.86 10.78 -2.30
N GLU A 178 13.72 11.32 -1.10
CA GLU A 178 12.88 12.48 -0.88
C GLU A 178 13.49 13.42 0.15
N THR A 179 13.15 14.70 0.05
CA THR A 179 13.57 15.69 1.03
C THR A 179 12.90 15.46 2.39
N TRP A 180 13.43 16.12 3.41
CA TRP A 180 12.82 16.20 4.74
C TRP A 180 11.30 16.40 4.63
N ASN A 181 10.54 15.69 5.45
CA ASN A 181 9.08 15.82 5.46
C ASN A 181 8.59 17.19 5.92
N GLU A 182 7.58 17.70 5.21
CA GLU A 182 6.88 18.93 5.59
C GLU A 182 7.79 20.04 6.13
N PRO A 183 8.65 20.61 5.27
CA PRO A 183 9.60 21.64 5.68
C PRO A 183 8.93 22.94 6.14
N ASP A 184 7.69 23.15 5.71
CA ASP A 184 6.92 24.33 6.13
C ASP A 184 6.16 24.12 7.44
N HIS A 185 6.17 22.89 7.95
CA HIS A 185 5.64 22.60 9.28
C HIS A 185 6.76 22.66 10.32
N HIS A 186 7.98 22.89 9.83
CA HIS A 186 9.17 23.11 10.65
C HIS A 186 9.35 22.10 11.79
N ASP A 187 9.54 20.84 11.40
CA ASP A 187 9.75 19.75 12.34
C ASP A 187 11.19 19.27 12.24
N PHE A 188 12.11 20.08 12.75
CA PHE A 188 13.54 19.77 12.76
C PHE A 188 14.03 19.71 14.20
N ASP A 189 14.42 18.52 14.63
CA ASP A 189 14.88 18.29 16.00
C ASP A 189 16.27 18.87 16.26
N ASN A 190 16.29 20.03 16.93
CA ASN A 190 17.52 20.79 17.19
C ASN A 190 18.35 21.11 15.92
N VAL A 191 17.74 20.91 14.75
CA VAL A 191 18.34 21.27 13.48
C VAL A 191 17.77 22.62 13.05
N SER A 192 18.66 23.52 12.66
CA SER A 192 18.27 24.85 12.19
C SER A 192 18.08 24.82 10.68
N MET A 193 16.85 25.05 10.23
CA MET A 193 16.52 25.03 8.81
C MET A 193 15.77 26.30 8.41
N THR A 194 16.50 27.23 7.79
CA THR A 194 15.91 28.44 7.22
C THR A 194 15.59 28.19 5.75
N MET A 195 15.16 29.24 5.06
CA MET A 195 14.92 29.19 3.61
C MET A 195 16.20 28.79 2.89
N GLN A 196 17.28 29.51 3.16
CA GLN A 196 18.58 29.27 2.56
C GLN A 196 19.16 27.92 2.97
N GLY A 197 19.02 27.57 4.26
CA GLY A 197 19.48 26.29 4.78
C GLY A 197 18.88 25.11 4.05
N PHE A 198 17.56 25.20 3.80
CA PHE A 198 16.83 24.13 3.11
C PHE A 198 17.28 23.95 1.66
N LEU A 199 17.59 25.06 0.99
CA LEU A 199 18.14 25.03 -0.37
C LEU A 199 19.52 24.38 -0.42
N ASN A 200 20.38 24.71 0.55
CA ASN A 200 21.70 24.10 0.67
C ASN A 200 21.60 22.62 0.99
N TYR A 201 20.70 22.28 1.91
CA TYR A 201 20.41 20.90 2.26
C TYR A 201 19.99 20.10 1.03
N TYR A 202 19.11 20.68 0.20
CA TYR A 202 18.66 20.00 -1.03
C TYR A 202 19.81 19.76 -2.01
N ASP A 203 20.63 20.78 -2.23
CA ASP A 203 21.78 20.65 -3.12
C ASP A 203 22.71 19.53 -2.66
N ALA A 204 22.95 19.46 -1.35
CA ALA A 204 23.73 18.38 -0.74
C ALA A 204 23.09 17.01 -0.97
N CYS A 205 21.76 16.94 -0.84
CA CYS A 205 20.99 15.74 -1.16
C CYS A 205 21.20 15.32 -2.62
N SER A 206 20.96 16.26 -3.53
CA SER A 206 21.01 16.01 -4.96
C SER A 206 22.40 15.63 -5.44
N GLU A 207 23.40 16.39 -5.01
CA GLU A 207 24.79 16.14 -5.38
C GLU A 207 25.32 14.86 -4.75
N GLY A 208 24.89 14.59 -3.52
CA GLY A 208 25.25 13.36 -2.82
C GLY A 208 24.78 12.12 -3.55
N LEU A 209 23.52 12.15 -3.99
CA LEU A 209 22.94 11.02 -4.73
C LEU A 209 23.57 10.89 -6.11
N ARG A 210 23.84 12.03 -6.74
CA ARG A 210 24.48 12.08 -8.05
C ARG A 210 25.87 11.43 -8.05
N ALA A 211 26.66 11.73 -7.02
CA ALA A 211 27.99 11.16 -6.86
C ALA A 211 27.95 9.63 -6.74
N ALA A 212 26.91 9.13 -6.07
CA ALA A 212 26.70 7.69 -5.94
C ALA A 212 26.25 7.05 -7.25
N SER A 213 25.27 7.67 -7.91
CA SER A 213 24.78 7.25 -9.23
C SER A 213 23.75 8.24 -9.77
N PRO A 214 23.90 8.65 -11.05
CA PRO A 214 22.88 9.49 -11.68
C PRO A 214 21.52 8.80 -11.84
N ALA A 215 21.50 7.46 -11.78
CA ALA A 215 20.27 6.68 -11.88
C ALA A 215 19.32 6.89 -10.69
N LEU A 216 19.87 7.29 -9.54
CA LEU A 216 19.05 7.49 -8.34
C LEU A 216 18.18 8.73 -8.45
N ARG A 217 16.95 8.62 -7.94
CA ARG A 217 15.95 9.66 -8.13
CA ARG A 217 15.90 9.61 -8.13
C ARG A 217 15.58 10.40 -6.86
N LEU A 218 15.52 11.73 -6.97
CA LEU A 218 15.26 12.61 -5.84
C LEU A 218 14.13 13.60 -6.14
N GLY A 219 13.19 13.71 -5.19
CA GLY A 219 12.11 14.68 -5.28
C GLY A 219 11.75 15.34 -3.96
N GLY A 220 10.75 16.22 -4.01
CA GLY A 220 10.30 16.95 -2.82
C GLY A 220 9.28 18.00 -3.22
N PRO A 221 8.93 18.90 -2.28
CA PRO A 221 9.42 19.04 -0.91
C PRO A 221 8.65 18.21 0.11
N GLY A 222 7.57 17.57 -0.32
CA GLY A 222 6.68 16.84 0.59
C GLY A 222 5.92 17.76 1.52
N ASP A 223 5.26 18.78 0.95
CA ASP A 223 4.43 19.69 1.73
C ASP A 223 3.16 20.09 0.97
N SER A 224 2.40 21.04 1.52
CA SER A 224 1.04 21.32 1.05
C SER A 224 0.88 22.30 -0.11
N PHE A 225 1.87 23.16 -0.32
CA PHE A 225 1.81 24.19 -1.37
C PHE A 225 0.55 25.05 -1.28
N HIS A 226 0.37 25.74 -0.15
CA HIS A 226 -0.75 26.65 0.01
C HIS A 226 -0.49 27.96 -0.75
N THR A 227 -1.53 28.78 -0.90
CA THR A 227 -1.44 30.05 -1.63
C THR A 227 -0.40 30.97 -1.01
N PRO A 228 0.60 31.41 -1.81
CA PRO A 228 1.62 32.37 -1.38
C PRO A 228 1.02 33.61 -0.71
N PRO A 229 1.69 34.15 0.33
CA PRO A 229 3.02 33.81 0.83
C PRO A 229 3.11 32.61 1.79
N ARG A 230 2.09 31.75 1.78
CA ARG A 230 2.14 30.50 2.54
C ARG A 230 3.03 29.50 1.82
N SER A 231 3.51 28.50 2.56
CA SER A 231 4.41 27.46 2.05
C SER A 231 5.65 28.04 1.32
N PRO A 232 6.44 28.89 2.02
CA PRO A 232 7.60 29.53 1.39
C PRO A 232 8.71 28.53 1.03
N LEU A 233 8.97 27.57 1.92
CA LEU A 233 9.99 26.56 1.68
C LEU A 233 9.59 25.61 0.54
N SER A 234 8.28 25.47 0.31
CA SER A 234 7.76 24.65 -0.78
C SER A 234 7.96 25.31 -2.15
N TRP A 235 7.38 26.49 -2.32
CA TRP A 235 7.52 27.26 -3.57
C TRP A 235 8.96 27.69 -3.80
N GLY A 236 9.69 27.84 -2.70
CA GLY A 236 11.11 28.22 -2.75
C GLY A 236 11.98 27.12 -3.32
N LEU A 237 11.62 25.86 -3.04
CA LEU A 237 12.35 24.73 -3.60
C LEU A 237 12.16 24.66 -5.12
N LEU A 238 10.92 24.82 -5.57
CA LEU A 238 10.60 24.75 -6.99
C LEU A 238 11.29 25.88 -7.77
N ARG A 239 11.27 27.09 -7.21
CA ARG A 239 11.93 28.24 -7.82
C ARG A 239 13.45 28.04 -7.91
N HIS A 240 14.03 27.51 -6.83
CA HIS A 240 15.46 27.20 -6.76
C HIS A 240 15.87 26.11 -7.76
N CYS A 241 15.05 25.06 -7.88
CA CYS A 241 15.31 23.99 -8.84
C CYS A 241 15.12 24.47 -10.27
N HIS A 242 14.17 25.38 -10.47
CA HIS A 242 13.90 25.94 -11.79
C HIS A 242 14.96 26.96 -12.21
N ASP A 243 15.35 27.85 -11.31
CA ASP A 243 16.20 29.01 -11.65
C ASP A 243 17.39 29.26 -10.70
N GLY A 244 17.35 28.65 -9.52
CA GLY A 244 18.36 28.90 -8.49
C GLY A 244 19.77 28.39 -8.79
N THR A 245 20.73 28.88 -8.02
CA THR A 245 22.14 28.53 -8.17
C THR A 245 22.47 27.29 -7.33
N ASN A 246 23.06 26.28 -7.98
CA ASN A 246 23.53 25.08 -7.30
C ASN A 246 24.67 25.43 -6.33
N PHE A 247 24.49 25.07 -5.06
CA PHE A 247 25.46 25.38 -4.00
C PHE A 247 26.89 24.90 -4.31
N PHE A 248 26.99 23.69 -4.88
CA PHE A 248 28.30 23.07 -5.10
C PHE A 248 29.00 23.46 -6.40
N THR A 249 28.22 23.66 -7.47
CA THR A 249 28.77 23.85 -8.81
C THR A 249 28.56 25.25 -9.39
N GLY A 250 27.61 25.99 -8.83
CA GLY A 250 27.33 27.36 -9.27
C GLY A 250 26.48 27.48 -10.52
N GLU A 251 26.04 26.35 -11.06
CA GLU A 251 25.21 26.33 -12.26
C GLU A 251 23.75 26.69 -11.96
N ALA A 252 23.07 27.25 -12.95
CA ALA A 252 21.67 27.65 -12.82
C ALA A 252 20.74 26.45 -12.95
N GLY A 253 19.85 26.29 -11.98
CA GLY A 253 18.90 25.19 -11.94
C GLY A 253 19.49 23.95 -11.27
N VAL A 254 18.63 23.19 -10.59
CA VAL A 254 19.02 21.96 -9.90
C VAL A 254 18.01 20.85 -10.17
N ARG A 255 18.51 19.63 -10.31
CA ARG A 255 17.71 18.41 -10.50
C ARG A 255 16.52 18.32 -9.54
N LEU A 256 15.38 17.90 -10.09
CA LEU A 256 14.16 17.62 -9.33
C LEU A 256 13.35 16.60 -10.11
N ASP A 257 13.46 15.33 -9.70
CA ASP A 257 12.89 14.23 -10.49
C ASP A 257 11.37 14.09 -10.37
N TYR A 258 10.83 14.55 -9.25
CA TYR A 258 9.39 14.59 -9.05
C TYR A 258 9.01 15.63 -8.01
N ILE A 259 7.77 16.10 -8.06
CA ILE A 259 7.24 17.05 -7.08
C ILE A 259 6.25 16.34 -6.17
N SER A 260 6.59 16.27 -4.88
CA SER A 260 5.72 15.60 -3.93
C SER A 260 4.99 16.61 -3.05
N LEU A 261 3.67 16.49 -3.04
CA LEU A 261 2.82 17.33 -2.22
C LEU A 261 2.07 16.48 -1.18
N HIS A 262 1.45 17.15 -0.22
CA HIS A 262 0.53 16.51 0.71
C HIS A 262 -0.81 17.21 0.64
N ARG A 263 -1.85 16.48 0.25
CA ARG A 263 -3.21 17.00 0.31
C ARG A 263 -4.17 15.98 0.93
N LYS A 264 -4.78 16.37 2.04
CA LYS A 264 -5.78 15.56 2.73
C LYS A 264 -7.17 16.09 2.37
N GLY A 265 -8.20 15.25 2.56
CA GLY A 265 -9.53 15.57 2.08
C GLY A 265 -10.48 16.26 3.05
N ALA A 266 -10.06 16.36 4.31
CA ALA A 266 -10.92 16.81 5.40
C ALA A 266 -12.29 16.10 5.38
N ARG A 267 -12.23 14.77 5.32
CA ARG A 267 -13.40 13.87 5.32
C ARG A 267 -14.09 13.71 3.95
N SER A 268 -13.67 14.50 2.96
CA SER A 268 -14.19 14.39 1.60
C SER A 268 -13.17 13.72 0.68
N SER A 269 -13.64 12.78 -0.13
CA SER A 269 -12.77 12.07 -1.07
C SER A 269 -12.43 12.93 -2.29
N ILE A 270 -13.44 13.50 -2.93
CA ILE A 270 -13.26 14.30 -4.15
C ILE A 270 -12.41 15.56 -3.89
N SER A 271 -12.42 16.03 -2.64
CA SER A 271 -11.67 17.20 -2.22
C SER A 271 -10.17 17.03 -2.41
N ILE A 272 -9.68 15.80 -2.20
CA ILE A 272 -8.27 15.47 -2.43
C ILE A 272 -7.88 15.75 -3.88
N LEU A 273 -8.66 15.22 -4.81
CA LEU A 273 -8.41 15.40 -6.24
C LEU A 273 -8.53 16.87 -6.67
N GLU A 274 -9.50 17.57 -6.09
CA GLU A 274 -9.78 18.95 -6.43
C GLU A 274 -8.64 19.90 -6.01
N GLN A 275 -8.08 19.67 -4.83
CA GLN A 275 -6.94 20.46 -4.35
C GLN A 275 -5.68 20.18 -5.15
N GLU A 276 -5.52 18.92 -5.56
CA GLU A 276 -4.36 18.49 -6.34
C GLU A 276 -4.30 19.18 -7.70
N LYS A 277 -5.45 19.28 -8.35
CA LYS A 277 -5.54 19.91 -9.67
C LYS A 277 -5.23 21.40 -9.60
N VAL A 278 -5.65 22.06 -8.52
CA VAL A 278 -5.35 23.48 -8.30
C VAL A 278 -3.84 23.70 -8.16
N VAL A 279 -3.18 22.86 -7.37
CA VAL A 279 -1.74 22.97 -7.14
C VAL A 279 -0.95 22.63 -8.42
N ALA A 280 -1.36 21.58 -9.13
CA ALA A 280 -0.71 21.16 -10.37
C ALA A 280 -0.83 22.21 -11.46
N GLN A 281 -1.98 22.88 -11.52
CA GLN A 281 -2.21 23.95 -12.48
C GLN A 281 -1.32 25.16 -12.20
N GLN A 282 -1.16 25.51 -10.92
CA GLN A 282 -0.29 26.60 -10.50
C GLN A 282 1.18 26.33 -10.82
N ILE A 283 1.60 25.08 -10.60
CA ILE A 283 2.97 24.67 -10.93
C ILE A 283 3.19 24.75 -12.45
N ARG A 284 2.25 24.20 -13.21
CA ARG A 284 2.28 24.25 -14.67
C ARG A 284 2.47 25.69 -15.17
N GLN A 285 1.70 26.63 -14.61
CA GLN A 285 1.70 28.01 -15.08
C GLN A 285 2.88 28.85 -14.59
N LEU A 286 3.45 28.50 -13.45
CA LEU A 286 4.57 29.25 -12.90
C LEU A 286 5.92 28.71 -13.32
N PHE A 287 5.96 27.43 -13.71
CA PHE A 287 7.22 26.75 -13.98
C PHE A 287 7.22 25.97 -15.31
N PRO A 288 7.49 26.67 -16.43
CA PRO A 288 7.51 26.03 -17.75
C PRO A 288 8.34 24.74 -17.81
N LYS A 289 9.47 24.72 -17.11
CA LYS A 289 10.36 23.53 -17.11
C LYS A 289 9.74 22.33 -16.41
N PHE A 290 8.77 22.57 -15.52
CA PHE A 290 8.14 21.49 -14.76
C PHE A 290 6.85 20.95 -15.40
N ALA A 291 6.70 21.16 -16.71
CA ALA A 291 5.48 20.75 -17.43
C ALA A 291 5.22 19.24 -17.36
N ASP A 292 6.28 18.44 -17.43
CA ASP A 292 6.15 16.99 -17.43
C ASP A 292 6.73 16.32 -16.17
N THR A 293 7.09 17.13 -15.19
CA THR A 293 7.63 16.63 -13.92
C THR A 293 6.54 15.91 -13.13
N PRO A 294 6.74 14.62 -12.82
CA PRO A 294 5.75 13.83 -12.09
C PRO A 294 5.37 14.44 -10.74
N ILE A 295 4.08 14.33 -10.40
CA ILE A 295 3.56 14.80 -9.13
C ILE A 295 3.16 13.60 -8.28
N TYR A 296 3.60 13.60 -7.03
CA TYR A 296 3.19 12.60 -6.06
C TYR A 296 2.37 13.29 -4.99
N ASN A 297 1.28 12.65 -4.57
CA ASN A 297 0.67 12.98 -3.29
C ASN A 297 0.97 11.82 -2.37
N ASP A 298 2.02 11.95 -1.58
CA ASP A 298 2.45 10.82 -0.75
C ASP A 298 1.90 10.87 0.69
N GLU A 299 0.88 11.70 0.91
CA GLU A 299 0.08 11.69 2.14
C GLU A 299 -1.36 12.11 1.79
N ALA A 300 -2.01 11.30 0.96
CA ALA A 300 -3.34 11.60 0.44
C ALA A 300 -4.44 10.94 1.28
N ASP A 301 -4.50 11.32 2.55
CA ASP A 301 -5.44 10.69 3.49
C ASP A 301 -6.77 11.42 3.52
N PRO A 302 -7.86 10.70 3.86
CA PRO A 302 -9.16 11.32 4.13
C PRO A 302 -9.13 12.44 5.18
N LEU A 303 -8.31 12.27 6.23
CA LEU A 303 -8.30 13.22 7.35
C LEU A 303 -6.93 13.32 8.03
N VAL A 304 -6.53 14.55 8.37
CA VAL A 304 -5.31 14.81 9.16
C VAL A 304 -5.37 14.16 10.55
N GLY A 305 -4.22 13.72 11.06
CA GLY A 305 -4.12 13.18 12.41
C GLY A 305 -4.42 11.69 12.50
N TRP A 306 -3.40 10.88 12.24
CA TRP A 306 -3.53 9.41 12.20
C TRP A 306 -4.04 8.81 13.52
N SER A 307 -3.67 9.42 14.65
CA SER A 307 -3.96 8.83 15.96
C SER A 307 -5.32 9.23 16.54
N LEU A 308 -6.00 10.17 15.89
CA LEU A 308 -7.33 10.58 16.30
C LEU A 308 -8.31 9.44 16.05
N PRO A 309 -9.00 8.97 17.11
CA PRO A 309 -9.92 7.84 16.95
C PRO A 309 -11.14 8.22 16.11
N GLN A 310 -11.39 7.44 15.06
CA GLN A 310 -12.56 7.64 14.19
C GLN A 310 -13.21 6.28 13.95
N PRO A 311 -14.49 6.14 14.29
CA PRO A 311 -15.21 4.88 14.09
C PRO A 311 -15.07 4.36 12.66
N TRP A 312 -15.17 5.24 11.68
CA TRP A 312 -15.09 4.86 10.26
C TRP A 312 -13.71 4.35 9.82
N ARG A 313 -12.66 4.70 10.57
CA ARG A 313 -11.30 4.22 10.30
C ARG A 313 -11.12 2.75 10.68
N ALA A 314 -12.04 2.24 11.50
CA ALA A 314 -11.96 0.90 12.06
C ALA A 314 -12.32 -0.21 11.08
N ASP A 315 -13.05 0.13 10.02
CA ASP A 315 -13.71 -0.90 9.21
C ASP A 315 -13.83 -0.62 7.71
N VAL A 316 -14.83 -1.24 7.08
CA VAL A 316 -15.01 -1.19 5.63
C VAL A 316 -15.33 0.23 5.12
N THR A 317 -15.72 1.12 6.02
CA THR A 317 -15.97 2.52 5.64
C THR A 317 -14.67 3.15 5.13
N TYR A 318 -13.59 3.00 5.89
CA TYR A 318 -12.27 3.46 5.48
C TYR A 318 -11.83 2.76 4.19
N ALA A 319 -11.96 1.43 4.16
CA ALA A 319 -11.62 0.61 3.01
C ALA A 319 -12.28 1.11 1.72
N ALA A 320 -13.60 1.29 1.76
CA ALA A 320 -14.39 1.71 0.60
C ALA A 320 -14.05 3.11 0.12
N MET A 321 -13.80 4.01 1.07
CA MET A 321 -13.42 5.37 0.74
C MET A 321 -12.07 5.39 0.04
N VAL A 322 -11.14 4.54 0.50
CA VAL A 322 -9.81 4.42 -0.10
C VAL A 322 -9.92 4.04 -1.58
N VAL A 323 -10.70 3.00 -1.87
CA VAL A 323 -10.97 2.60 -3.26
C VAL A 323 -11.60 3.75 -4.05
N LYS A 324 -12.55 4.45 -3.43
CA LYS A 324 -13.27 5.56 -4.06
C LYS A 324 -12.32 6.67 -4.52
N VAL A 325 -11.38 7.03 -3.64
CA VAL A 325 -10.36 8.03 -3.93
C VAL A 325 -9.52 7.60 -5.15
N ILE A 326 -9.16 6.32 -5.20
CA ILE A 326 -8.37 5.79 -6.30
C ILE A 326 -9.14 5.76 -7.62
N ALA A 327 -10.40 5.32 -7.55
CA ALA A 327 -11.29 5.33 -8.71
C ALA A 327 -11.50 6.75 -9.25
N GLN A 328 -11.57 7.72 -8.33
CA GLN A 328 -11.73 9.12 -8.71
C GLN A 328 -10.49 9.65 -9.43
N HIS A 329 -9.31 9.22 -8.97
CA HIS A 329 -8.07 9.66 -9.57
C HIS A 329 -7.85 9.04 -10.95
N GLN A 330 -8.22 7.76 -11.06
CA GLN A 330 -8.13 7.07 -12.35
C GLN A 330 -9.08 7.64 -13.39
N ASN A 331 -10.35 7.75 -13.04
CA ASN A 331 -11.39 8.15 -14.00
C ASN A 331 -11.50 9.66 -14.26
N LEU A 332 -11.22 10.47 -13.25
CA LEU A 332 -11.41 11.92 -13.38
C LEU A 332 -10.11 12.70 -13.53
N LEU A 333 -8.98 12.03 -13.41
CA LEU A 333 -7.68 12.67 -13.60
C LEU A 333 -6.79 11.99 -14.63
N LEU A 334 -6.63 10.68 -14.52
CA LEU A 334 -5.66 9.98 -15.37
C LEU A 334 -6.22 9.46 -16.70
N ALA A 335 -7.52 9.20 -16.76
CA ALA A 335 -8.15 8.68 -17.96
C ALA A 335 -8.49 9.78 -18.96
N ASN A 336 -7.95 9.67 -20.17
CA ASN A 336 -8.19 10.58 -21.31
C ASN A 336 -8.56 12.05 -21.02
N THR A 337 -8.02 12.60 -19.94
CA THR A 337 -8.38 13.95 -19.50
C THR A 337 -7.79 15.03 -20.41
N THR A 338 -8.41 16.21 -20.39
CA THR A 338 -7.94 17.34 -21.18
C THR A 338 -6.76 18.01 -20.48
N SER A 339 -6.79 17.98 -19.15
CA SER A 339 -5.75 18.57 -18.32
C SER A 339 -4.41 17.86 -18.51
N ALA A 340 -4.43 16.53 -18.44
CA ALA A 340 -3.25 15.68 -18.58
C ALA A 340 -2.13 16.08 -17.62
N PHE A 341 -2.46 16.24 -16.34
CA PHE A 341 -1.47 16.50 -15.30
C PHE A 341 -0.66 15.23 -15.04
N PRO A 342 0.68 15.35 -14.96
CA PRO A 342 1.57 14.20 -14.78
C PRO A 342 1.52 13.58 -13.37
N TYR A 343 0.34 13.12 -12.96
CA TYR A 343 0.14 12.50 -11.66
C TYR A 343 0.67 11.07 -11.68
N ALA A 344 1.63 10.78 -10.81
CA ALA A 344 2.34 9.51 -10.87
C ALA A 344 2.11 8.58 -9.68
N LEU A 345 1.88 9.14 -8.49
CA LEU A 345 1.78 8.33 -7.28
C LEU A 345 0.81 8.88 -6.24
N LEU A 346 0.05 7.97 -5.62
CA LEU A 346 -0.84 8.30 -4.51
C LEU A 346 -0.51 7.40 -3.32
N SER A 347 -0.30 8.00 -2.15
CA SER A 347 0.05 7.22 -0.97
C SER A 347 -0.87 7.47 0.22
N ASN A 348 -1.47 6.39 0.71
CA ASN A 348 -2.18 6.41 1.99
C ASN A 348 -1.18 6.21 3.11
N ASP A 349 -1.14 7.14 4.06
CA ASP A 349 -0.12 7.15 5.10
C ASP A 349 -0.62 6.44 6.36
N ASN A 350 -0.67 5.11 6.28
CA ASN A 350 -1.37 4.29 7.27
C ASN A 350 -0.65 3.00 7.69
N ALA A 351 0.68 3.03 7.67
CA ALA A 351 1.48 1.90 8.15
C ALA A 351 1.80 2.02 9.64
N PHE A 352 1.31 3.08 10.27
CA PHE A 352 1.46 3.30 11.71
C PHE A 352 0.95 2.12 12.52
N LEU A 353 1.43 2.01 13.76
CA LEU A 353 0.92 1.00 14.69
C LEU A 353 -0.01 1.64 15.71
N SER A 354 -1.20 1.08 15.87
CA SER A 354 -2.22 1.61 16.77
C SER A 354 -1.86 1.36 18.24
N TYR A 355 -2.46 2.14 19.13
CA TYR A 355 -2.23 1.96 20.56
C TYR A 355 -3.49 1.98 21.44
N HIS A 356 -3.35 1.49 22.66
CA HIS A 356 -4.40 1.48 23.67
C HIS A 356 -4.86 2.91 23.96
N PRO A 357 -6.19 3.16 24.03
CA PRO A 357 -7.29 2.20 23.92
C PRO A 357 -8.02 2.21 22.56
N HIS A 358 -7.31 2.53 21.48
CA HIS A 358 -7.92 2.55 20.16
C HIS A 358 -7.23 1.59 19.18
N PRO A 359 -7.42 0.26 19.34
CA PRO A 359 -6.77 -0.70 18.46
C PRO A 359 -7.22 -0.60 17.00
N PHE A 360 -8.51 -0.30 16.79
CA PHE A 360 -9.09 -0.28 15.45
C PHE A 360 -9.34 1.12 14.88
N ALA A 361 -9.55 2.11 15.74
CA ALA A 361 -10.11 3.40 15.34
C ALA A 361 -9.11 4.44 14.82
N GLN A 362 -7.84 4.05 14.69
CA GLN A 362 -6.79 4.95 14.21
C GLN A 362 -6.47 4.69 12.73
N ARG A 363 -5.72 5.59 12.10
CA ARG A 363 -5.45 5.47 10.66
C ARG A 363 -4.32 4.47 10.40
N THR A 364 -4.66 3.19 10.45
CA THR A 364 -3.67 2.11 10.36
C THR A 364 -4.20 0.93 9.53
N LEU A 365 -3.30 0.24 8.85
CA LEU A 365 -3.61 -0.96 8.07
C LEU A 365 -3.93 -2.16 8.95
N THR A 366 -3.29 -2.21 10.11
CA THR A 366 -3.51 -3.31 11.06
C THR A 366 -4.02 -2.79 12.39
N ALA A 367 -4.67 -3.67 13.15
CA ALA A 367 -5.05 -3.39 14.52
C ALA A 367 -4.06 -4.12 15.44
N ARG A 368 -3.40 -3.37 16.31
CA ARG A 368 -2.39 -3.94 17.21
C ARG A 368 -2.95 -4.24 18.59
N PHE A 369 -2.70 -5.46 19.06
CA PHE A 369 -3.03 -5.86 20.41
C PHE A 369 -1.78 -6.27 21.17
N GLN A 370 -1.39 -5.46 22.14
CA GLN A 370 -0.30 -5.78 23.03
C GLN A 370 -0.89 -6.56 24.21
N VAL A 371 -0.78 -7.87 24.14
CA VAL A 371 -1.33 -8.76 25.17
C VAL A 371 -0.34 -8.88 26.33
N ASN A 372 -0.57 -8.08 27.37
CA ASN A 372 0.41 -7.92 28.45
C ASN A 372 0.28 -8.95 29.58
N ASN A 373 -0.81 -9.72 29.60
CA ASN A 373 -1.07 -10.67 30.67
C ASN A 373 -0.54 -12.08 30.42
N THR A 374 0.28 -12.25 29.38
CA THR A 374 0.93 -13.54 29.11
C THR A 374 2.38 -13.49 29.59
N ARG A 375 3.02 -14.66 29.68
CA ARG A 375 4.44 -14.74 30.07
C ARG A 375 5.32 -15.35 28.97
N PRO A 376 6.11 -14.51 28.26
CA PRO A 376 6.17 -13.06 28.39
C PRO A 376 4.97 -12.38 27.69
N PRO A 377 4.79 -11.06 27.90
CA PRO A 377 3.79 -10.32 27.12
C PRO A 377 4.11 -10.40 25.63
N HIS A 378 3.08 -10.43 24.78
CA HIS A 378 3.29 -10.53 23.34
C HIS A 378 2.45 -9.56 22.50
N VAL A 379 2.75 -9.51 21.21
CA VAL A 379 2.04 -8.64 20.27
C VAL A 379 1.25 -9.49 19.27
N GLN A 380 0.01 -9.06 19.00
CA GLN A 380 -0.82 -9.63 17.96
C GLN A 380 -1.27 -8.54 17.01
N LEU A 381 -1.27 -8.83 15.72
CA LEU A 381 -1.80 -7.91 14.73
C LEU A 381 -3.04 -8.47 14.08
N LEU A 382 -4.00 -7.60 13.82
CA LEU A 382 -5.17 -7.95 13.05
C LEU A 382 -5.23 -7.15 11.76
N ARG A 383 -5.58 -7.83 10.69
CA ARG A 383 -5.71 -7.24 9.38
C ARG A 383 -7.04 -6.49 9.32
N LYS A 384 -6.96 -5.18 9.07
CA LYS A 384 -8.14 -4.34 8.95
C LYS A 384 -8.69 -4.36 7.53
N PRO A 385 -9.99 -4.07 7.35
CA PRO A 385 -10.61 -4.09 6.02
C PRO A 385 -9.89 -3.24 4.98
N VAL A 386 -9.29 -2.12 5.39
CA VAL A 386 -8.49 -1.28 4.51
C VAL A 386 -7.32 -2.06 3.90
N LEU A 387 -6.68 -2.88 4.71
CA LEU A 387 -5.59 -3.74 4.23
C LEU A 387 -6.12 -4.78 3.26
N THR A 388 -7.26 -5.37 3.58
CA THR A 388 -7.90 -6.35 2.71
C THR A 388 -8.28 -5.72 1.37
N ALA A 389 -8.78 -4.49 1.40
CA ALA A 389 -9.16 -3.74 0.20
C ALA A 389 -7.98 -3.46 -0.74
N MET A 390 -6.77 -3.35 -0.19
CA MET A 390 -5.56 -3.18 -0.98
C MET A 390 -5.29 -4.45 -1.80
N GLY A 391 -5.64 -5.60 -1.21
CA GLY A 391 -5.58 -6.89 -1.90
C GLY A 391 -6.57 -7.03 -3.03
N LEU A 392 -7.73 -6.39 -2.91
CA LEU A 392 -8.71 -6.37 -4.00
C LEU A 392 -8.23 -5.45 -5.12
N LEU A 393 -7.74 -4.27 -4.75
CA LEU A 393 -7.13 -3.35 -5.71
C LEU A 393 -5.97 -3.97 -6.49
N ALA A 394 -5.20 -4.82 -5.82
CA ALA A 394 -4.05 -5.49 -6.43
C ALA A 394 -4.43 -6.44 -7.56
N LEU A 395 -5.70 -6.88 -7.56
CA LEU A 395 -6.18 -7.79 -8.61
C LEU A 395 -6.46 -7.08 -9.93
N LEU A 396 -6.53 -5.74 -9.90
CA LEU A 396 -6.71 -4.95 -11.12
C LEU A 396 -5.53 -5.13 -12.08
N ASP A 397 -5.83 -5.22 -13.37
CA ASP A 397 -4.79 -5.47 -14.37
C ASP A 397 -4.45 -4.24 -15.21
N GLU A 398 -3.71 -4.46 -16.29
CA GLU A 398 -3.01 -3.38 -17.00
C GLU A 398 -3.85 -2.48 -17.93
N GLU A 399 -4.98 -2.98 -18.40
CA GLU A 399 -5.85 -2.20 -19.28
C GLU A 399 -7.16 -1.84 -18.62
N GLN A 400 -7.55 -0.58 -18.68
CA GLN A 400 -8.86 -0.16 -18.18
C GLN A 400 -9.94 -0.44 -19.20
N LEU A 401 -10.98 -1.13 -18.76
CA LEU A 401 -12.13 -1.43 -19.61
C LEU A 401 -13.17 -0.34 -19.52
N TRP A 402 -13.91 -0.15 -20.61
CA TRP A 402 -15.05 0.74 -20.61
C TRP A 402 -16.07 0.26 -19.58
N ALA A 403 -16.53 1.19 -18.74
CA ALA A 403 -17.58 0.92 -17.78
C ALA A 403 -18.46 2.14 -17.60
N GLU A 404 -19.74 1.91 -17.34
CA GLU A 404 -20.67 3.01 -17.12
C GLU A 404 -21.61 2.75 -15.95
N VAL A 405 -21.70 3.74 -15.07
CA VAL A 405 -22.60 3.70 -13.91
C VAL A 405 -23.71 4.71 -14.14
N SER A 406 -24.95 4.25 -14.11
CA SER A 406 -26.09 5.16 -14.31
C SER A 406 -27.22 4.92 -13.31
N GLN A 407 -27.99 5.96 -13.09
CA GLN A 407 -29.14 5.91 -12.19
C GLN A 407 -30.35 6.47 -12.95
N ALA A 408 -31.29 5.57 -13.27
CA ALA A 408 -32.49 5.89 -14.06
C ALA A 408 -32.19 6.60 -15.38
N GLY A 409 -31.09 6.19 -16.03
CA GLY A 409 -30.67 6.77 -17.30
C GLY A 409 -29.67 7.90 -17.19
N THR A 410 -29.41 8.38 -15.98
CA THR A 410 -28.44 9.45 -15.77
C THR A 410 -27.08 8.86 -15.45
N VAL A 411 -26.11 9.14 -16.31
CA VAL A 411 -24.73 8.66 -16.14
C VAL A 411 -24.06 9.39 -14.98
N LEU A 412 -23.42 8.61 -14.10
CA LEU A 412 -22.74 9.15 -12.92
C LEU A 412 -21.25 8.86 -12.96
N ASP A 413 -20.44 9.89 -12.75
CA ASP A 413 -18.99 9.68 -12.65
C ASP A 413 -18.60 9.22 -11.24
N SER A 414 -17.30 9.04 -11.00
CA SER A 414 -16.80 8.56 -9.70
C SER A 414 -17.03 9.55 -8.56
N ASN A 415 -17.43 10.78 -8.89
CA ASN A 415 -17.77 11.79 -7.90
C ASN A 415 -19.16 11.51 -7.33
N HIS A 416 -19.40 10.23 -7.02
CA HIS A 416 -20.69 9.75 -6.53
C HIS A 416 -20.52 8.58 -5.57
N THR A 417 -21.63 8.22 -4.91
CA THR A 417 -21.67 7.18 -3.90
C THR A 417 -21.33 5.80 -4.44
N VAL A 418 -21.74 5.53 -5.68
CA VAL A 418 -21.50 4.24 -6.33
C VAL A 418 -20.63 4.43 -7.56
N GLY A 419 -19.52 3.69 -7.62
CA GLY A 419 -18.63 3.73 -8.77
C GLY A 419 -17.89 2.44 -9.04
N VAL A 420 -17.04 2.45 -10.05
CA VAL A 420 -16.42 1.23 -10.56
C VAL A 420 -15.05 1.47 -11.22
N LEU A 421 -14.15 0.53 -11.01
CA LEU A 421 -12.94 0.37 -11.83
C LEU A 421 -12.97 -1.03 -12.43
N ALA A 422 -12.87 -1.11 -13.75
CA ALA A 422 -12.83 -2.38 -14.45
C ALA A 422 -11.56 -2.50 -15.27
N SER A 423 -10.94 -3.68 -15.24
CA SER A 423 -9.68 -3.91 -15.93
C SER A 423 -9.63 -5.25 -16.66
N ALA A 424 -8.70 -5.37 -17.60
CA ALA A 424 -8.46 -6.63 -18.30
C ALA A 424 -6.98 -6.94 -18.41
N HIS A 425 -6.67 -8.24 -18.51
CA HIS A 425 -5.33 -8.74 -18.66
C HIS A 425 -5.23 -9.56 -19.94
N ARG A 426 -4.29 -9.21 -20.79
CA ARG A 426 -3.99 -10.01 -21.96
C ARG A 426 -2.97 -11.09 -21.60
N PRO A 427 -3.21 -12.34 -22.04
CA PRO A 427 -2.33 -13.46 -21.71
C PRO A 427 -0.93 -13.29 -22.30
N GLN A 428 0.09 -13.52 -21.48
CA GLN A 428 1.47 -13.42 -21.94
C GLN A 428 2.14 -14.80 -22.01
N GLY A 429 2.23 -15.48 -20.86
CA GLY A 429 2.82 -16.83 -20.80
C GLY A 429 1.79 -17.95 -20.66
N PRO A 430 2.26 -19.21 -20.70
CA PRO A 430 1.36 -20.35 -20.49
C PRO A 430 0.88 -20.46 -19.03
N ALA A 431 1.55 -19.76 -18.12
CA ALA A 431 1.18 -19.75 -16.70
C ALA A 431 0.02 -18.79 -16.39
N ASP A 432 -0.41 -18.03 -17.40
CA ASP A 432 -1.53 -17.09 -17.26
C ASP A 432 -2.37 -16.98 -18.54
N ALA A 433 -3.66 -16.74 -18.35
CA ALA A 433 -4.58 -16.52 -19.47
C ALA A 433 -5.28 -15.17 -19.31
N TRP A 434 -6.33 -14.95 -20.11
CA TRP A 434 -7.12 -13.73 -20.06
C TRP A 434 -7.83 -13.55 -18.72
N ARG A 435 -7.81 -12.31 -18.21
CA ARG A 435 -8.52 -11.95 -16.97
C ARG A 435 -9.26 -10.65 -17.13
N ALA A 436 -10.35 -10.51 -16.36
CA ALA A 436 -11.01 -9.24 -16.11
C ALA A 436 -11.34 -9.14 -14.63
N ALA A 437 -11.16 -7.95 -14.07
CA ALA A 437 -11.49 -7.68 -12.67
C ALA A 437 -12.32 -6.40 -12.57
N VAL A 438 -13.50 -6.53 -11.98
CA VAL A 438 -14.45 -5.43 -11.85
C VAL A 438 -14.64 -5.11 -10.39
N LEU A 439 -14.16 -3.95 -9.96
CA LEU A 439 -14.27 -3.54 -8.57
C LEU A 439 -15.31 -2.43 -8.41
N ILE A 440 -16.40 -2.78 -7.73
CA ILE A 440 -17.48 -1.83 -7.48
C ILE A 440 -17.40 -1.35 -6.04
N TYR A 441 -17.49 -0.04 -5.84
CA TYR A 441 -17.55 0.50 -4.49
C TYR A 441 -18.90 1.16 -4.22
N ALA A 442 -19.31 1.09 -2.96
CA ALA A 442 -20.43 1.87 -2.48
C ALA A 442 -19.93 2.58 -1.23
N SER A 443 -19.75 3.89 -1.33
CA SER A 443 -19.10 4.66 -0.27
C SER A 443 -19.62 6.09 -0.18
N ASP A 444 -20.01 6.49 1.03
CA ASP A 444 -20.38 7.88 1.29
C ASP A 444 -19.28 8.53 2.13
N ASP A 445 -18.04 8.35 1.68
CA ASP A 445 -16.86 8.87 2.36
C ASP A 445 -16.78 8.38 3.81
N THR A 446 -16.71 9.29 4.78
CA THR A 446 -16.53 8.89 6.17
C THR A 446 -17.81 8.46 6.88
N ARG A 447 -18.95 8.63 6.22
CA ARG A 447 -20.25 8.27 6.80
C ARG A 447 -20.67 6.85 6.44
N ALA A 448 -20.90 6.03 7.48
CA ALA A 448 -21.50 4.71 7.31
C ALA A 448 -23.00 4.82 7.56
N HIS A 449 -23.77 4.04 6.83
CA HIS A 449 -25.22 4.04 7.00
C HIS A 449 -25.71 2.60 7.15
N PRO A 450 -25.82 2.11 8.40
CA PRO A 450 -26.11 0.71 8.76
C PRO A 450 -27.37 0.13 8.14
N ASN A 451 -28.35 0.98 7.84
CA ASN A 451 -29.56 0.54 7.14
C ASN A 451 -29.41 0.59 5.62
N ARG A 452 -28.75 1.64 5.13
CA ARG A 452 -28.71 2.01 3.72
C ARG A 452 -28.13 0.92 2.81
N SER A 453 -28.77 0.72 1.66
CA SER A 453 -28.38 -0.28 0.69
C SER A 453 -28.61 0.22 -0.74
N VAL A 454 -27.95 -0.42 -1.71
CA VAL A 454 -28.10 -0.10 -3.12
C VAL A 454 -28.44 -1.35 -3.93
N ALA A 455 -29.52 -1.28 -4.69
CA ALA A 455 -29.82 -2.30 -5.69
C ALA A 455 -28.96 -2.05 -6.92
N VAL A 456 -28.06 -2.97 -7.21
CA VAL A 456 -27.19 -2.85 -8.37
C VAL A 456 -27.55 -3.91 -9.40
N THR A 457 -27.58 -3.50 -10.66
CA THR A 457 -27.62 -4.45 -11.76
C THR A 457 -26.27 -4.34 -12.49
N LEU A 458 -25.46 -5.39 -12.34
CA LEU A 458 -24.19 -5.47 -13.07
C LEU A 458 -24.39 -6.20 -14.38
N ARG A 459 -24.09 -5.52 -15.48
CA ARG A 459 -24.18 -6.11 -16.81
C ARG A 459 -22.79 -6.12 -17.43
N LEU A 460 -22.20 -7.31 -17.52
CA LEU A 460 -20.90 -7.51 -18.15
C LEU A 460 -21.07 -8.18 -19.49
N ARG A 461 -20.47 -7.60 -20.53
CA ARG A 461 -20.50 -8.19 -21.86
C ARG A 461 -19.11 -8.17 -22.51
N GLY A 462 -18.99 -8.85 -23.65
CA GLY A 462 -17.79 -8.83 -24.46
C GLY A 462 -16.57 -9.54 -23.91
N VAL A 463 -16.79 -10.55 -23.07
CA VAL A 463 -15.68 -11.41 -22.62
C VAL A 463 -15.28 -12.30 -23.79
N PRO A 464 -14.02 -12.18 -24.26
CA PRO A 464 -13.56 -12.93 -25.43
C PRO A 464 -13.57 -14.44 -25.19
N PRO A 465 -13.75 -15.23 -26.27
CA PRO A 465 -13.72 -16.68 -26.14
C PRO A 465 -12.44 -17.16 -25.46
N GLY A 466 -12.55 -18.19 -24.64
CA GLY A 466 -11.40 -18.74 -23.91
C GLY A 466 -11.75 -20.02 -23.19
N PRO A 467 -10.74 -20.81 -22.82
CA PRO A 467 -11.00 -22.11 -22.18
C PRO A 467 -11.37 -21.98 -20.69
N GLY A 468 -12.34 -22.79 -20.27
CA GLY A 468 -12.72 -22.89 -18.86
C GLY A 468 -13.04 -21.61 -18.14
N LEU A 469 -13.70 -20.68 -18.83
CA LEU A 469 -14.07 -19.39 -18.25
C LEU A 469 -14.92 -19.53 -16.98
N VAL A 470 -14.46 -18.91 -15.89
CA VAL A 470 -15.17 -18.90 -14.62
C VAL A 470 -15.25 -17.48 -14.04
N TYR A 471 -16.15 -17.28 -13.09
CA TYR A 471 -16.17 -16.04 -12.33
C TYR A 471 -16.26 -16.29 -10.83
N VAL A 472 -15.65 -15.37 -10.07
CA VAL A 472 -15.62 -15.42 -8.62
C VAL A 472 -15.97 -14.04 -8.09
N THR A 473 -16.91 -13.99 -7.14
CA THR A 473 -17.26 -12.73 -6.49
C THR A 473 -16.68 -12.69 -5.09
N ARG A 474 -16.16 -11.52 -4.71
CA ARG A 474 -15.67 -11.28 -3.36
C ARG A 474 -16.36 -10.02 -2.85
N TYR A 475 -16.88 -10.08 -1.62
CA TYR A 475 -17.68 -8.99 -1.07
C TYR A 475 -17.22 -8.59 0.34
N LEU A 476 -17.09 -7.29 0.58
CA LEU A 476 -16.79 -6.75 1.91
C LEU A 476 -17.87 -5.80 2.39
N ASP A 477 -18.31 -5.99 3.64
CA ASP A 477 -19.09 -4.96 4.34
C ASP A 477 -18.93 -5.08 5.86
N ASN A 478 -19.52 -4.13 6.59
CA ASN A 478 -19.36 -4.05 8.04
C ASN A 478 -20.06 -5.18 8.79
N GLY A 479 -21.14 -5.68 8.22
CA GLY A 479 -21.91 -6.76 8.84
C GLY A 479 -21.17 -8.09 8.83
N LEU A 480 -20.39 -8.32 7.78
CA LEU A 480 -19.78 -9.63 7.56
C LEU A 480 -18.28 -9.68 7.74
N CYS A 481 -17.61 -8.58 7.42
CA CYS A 481 -16.15 -8.58 7.32
C CYS A 481 -15.50 -7.45 8.12
N SER A 482 -15.91 -7.30 9.38
CA SER A 482 -15.30 -6.32 10.28
C SER A 482 -14.76 -6.99 11.54
N PRO A 483 -13.44 -7.20 11.61
CA PRO A 483 -12.80 -7.66 12.85
C PRO A 483 -13.16 -6.77 14.04
N ASP A 484 -13.30 -5.46 13.81
CA ASP A 484 -13.72 -4.50 14.84
C ASP A 484 -15.12 -4.81 15.35
N GLY A 485 -16.03 -5.08 14.41
CA GLY A 485 -17.40 -5.46 14.75
C GLY A 485 -17.45 -6.72 15.59
N GLU A 486 -16.55 -7.66 15.29
CA GLU A 486 -16.44 -8.89 16.05
C GLU A 486 -15.85 -8.64 17.45
N TRP A 487 -14.86 -7.75 17.52
CA TRP A 487 -14.25 -7.33 18.79
C TRP A 487 -15.29 -6.76 19.75
N ARG A 488 -16.13 -5.87 19.22
CA ARG A 488 -17.19 -5.26 20.00
C ARG A 488 -18.26 -6.29 20.39
N ARG A 489 -18.55 -7.21 19.48
CA ARG A 489 -19.49 -8.30 19.74
C ARG A 489 -19.03 -9.16 20.92
N LEU A 490 -17.71 -9.21 21.12
CA LEU A 490 -17.10 -9.98 22.21
C LEU A 490 -16.93 -9.15 23.49
N GLY A 491 -17.38 -7.90 23.47
CA GLY A 491 -17.29 -7.03 24.63
C GLY A 491 -16.01 -6.21 24.70
N ARG A 492 -15.34 -6.04 23.56
CA ARG A 492 -14.11 -5.26 23.47
C ARG A 492 -13.02 -5.68 24.48
N PRO A 493 -12.67 -6.98 24.52
CA PRO A 493 -11.63 -7.42 25.45
C PRO A 493 -10.27 -6.76 25.19
N VAL A 494 -9.76 -6.07 26.19
CA VAL A 494 -8.46 -5.41 26.11
C VAL A 494 -7.35 -6.41 25.81
N PHE A 495 -7.34 -7.54 26.53
CA PHE A 495 -6.42 -8.63 26.26
C PHE A 495 -7.22 -9.84 25.77
N PRO A 496 -7.47 -9.92 24.45
CA PRO A 496 -8.28 -11.03 23.95
C PRO A 496 -7.62 -12.37 24.18
N THR A 497 -8.43 -13.39 24.42
CA THR A 497 -7.95 -14.77 24.54
C THR A 497 -7.60 -15.31 23.16
N ALA A 498 -6.98 -16.49 23.13
CA ALA A 498 -6.64 -17.16 21.88
C ALA A 498 -7.87 -17.35 20.99
N GLU A 499 -8.96 -17.82 21.57
CA GLU A 499 -10.21 -18.06 20.85
C GLU A 499 -10.84 -16.76 20.34
N GLN A 500 -10.73 -15.69 21.13
CA GLN A 500 -11.25 -14.38 20.73
C GLN A 500 -10.52 -13.86 19.50
N PHE A 501 -9.20 -14.01 19.49
CA PHE A 501 -8.39 -13.65 18.32
C PHE A 501 -8.79 -14.46 17.09
N ARG A 502 -9.04 -15.76 17.27
CA ARG A 502 -9.49 -16.62 16.16
C ARG A 502 -10.79 -16.10 15.56
N ARG A 503 -11.75 -15.79 16.43
CA ARG A 503 -13.05 -15.26 16.00
C ARG A 503 -12.94 -13.94 15.24
N MET A 504 -12.08 -13.05 15.72
CA MET A 504 -11.84 -11.77 15.07
C MET A 504 -11.15 -11.94 13.72
N ARG A 505 -10.25 -12.91 13.63
CA ARG A 505 -9.52 -13.19 12.39
C ARG A 505 -10.39 -13.82 11.32
N ALA A 506 -11.47 -14.48 11.75
CA ALA A 506 -12.46 -15.07 10.83
C ALA A 506 -13.22 -14.00 10.03
N ALA A 507 -13.09 -12.74 10.43
CA ALA A 507 -13.80 -11.65 9.79
C ALA A 507 -12.90 -10.77 8.91
N GLU A 508 -11.65 -11.20 8.73
CA GLU A 508 -10.67 -10.46 7.93
C GLU A 508 -10.92 -10.56 6.43
N ASP A 509 -11.24 -11.77 5.96
CA ASP A 509 -11.35 -12.05 4.54
C ASP A 509 -12.70 -11.63 3.95
N PRO A 510 -12.73 -11.33 2.64
CA PRO A 510 -14.03 -11.04 2.04
C PRO A 510 -14.84 -12.32 1.91
N VAL A 511 -16.17 -12.19 1.91
CA VAL A 511 -17.05 -13.31 1.61
C VAL A 511 -16.93 -13.63 0.13
N ALA A 512 -16.60 -14.88 -0.18
CA ALA A 512 -16.36 -15.28 -1.56
C ALA A 512 -17.22 -16.45 -1.99
N ALA A 513 -17.72 -16.38 -3.22
CA ALA A 513 -18.42 -17.50 -3.82
C ALA A 513 -17.39 -18.33 -4.57
N ALA A 514 -17.52 -19.65 -4.47
CA ALA A 514 -16.71 -20.58 -5.26
C ALA A 514 -16.86 -20.30 -6.76
N PRO A 515 -15.82 -20.61 -7.56
CA PRO A 515 -15.87 -20.32 -9.00
C PRO A 515 -17.11 -20.89 -9.70
N ARG A 516 -17.74 -20.08 -10.53
CA ARG A 516 -18.88 -20.52 -11.33
C ARG A 516 -18.53 -20.38 -12.81
N PRO A 517 -18.85 -21.42 -13.61
CA PRO A 517 -18.61 -21.34 -15.06
C PRO A 517 -19.39 -20.19 -15.71
N LEU A 518 -18.72 -19.41 -16.53
CA LEU A 518 -19.35 -18.30 -17.26
C LEU A 518 -20.26 -18.85 -18.36
N PRO A 519 -21.46 -18.25 -18.51
CA PRO A 519 -22.34 -18.61 -19.63
C PRO A 519 -21.69 -18.24 -20.97
N ALA A 520 -22.09 -18.94 -22.03
CA ALA A 520 -21.59 -18.67 -23.37
C ALA A 520 -21.95 -17.25 -23.83
N GLY A 521 -21.20 -16.74 -24.82
CA GLY A 521 -21.41 -15.39 -25.32
C GLY A 521 -20.63 -14.33 -24.54
N GLY A 522 -19.92 -14.77 -23.50
CA GLY A 522 -19.11 -13.88 -22.66
C GLY A 522 -19.91 -12.79 -21.98
N ARG A 523 -21.00 -13.19 -21.34
CA ARG A 523 -21.94 -12.27 -20.74
C ARG A 523 -22.40 -12.75 -19.38
N LEU A 524 -22.66 -11.80 -18.49
CA LEU A 524 -23.12 -12.10 -17.14
C LEU A 524 -23.90 -10.94 -16.56
N THR A 525 -25.09 -11.24 -16.04
CA THR A 525 -25.88 -10.27 -15.29
C THR A 525 -25.97 -10.68 -13.84
N LEU A 526 -25.57 -9.76 -12.95
CA LEU A 526 -25.69 -9.98 -11.52
C LEU A 526 -26.54 -8.89 -10.91
N ARG A 527 -27.37 -9.27 -9.94
CA ARG A 527 -28.18 -8.32 -9.19
C ARG A 527 -27.82 -8.34 -7.69
N PRO A 528 -26.65 -7.80 -7.33
CA PRO A 528 -26.27 -7.80 -5.92
C PRO A 528 -26.92 -6.66 -5.14
N ALA A 529 -27.07 -6.88 -3.84
CA ALA A 529 -27.46 -5.83 -2.92
C ALA A 529 -26.22 -5.40 -2.16
N LEU A 530 -25.86 -4.13 -2.30
CA LEU A 530 -24.65 -3.61 -1.68
C LEU A 530 -25.00 -2.68 -0.52
N ARG A 531 -24.20 -2.73 0.53
CA ARG A 531 -24.39 -1.86 1.68
C ARG A 531 -23.56 -0.57 1.53
N LEU A 532 -23.84 0.40 2.39
CA LEU A 532 -23.04 1.61 2.52
C LEU A 532 -22.36 1.59 3.87
N PRO A 533 -21.05 1.27 3.90
CA PRO A 533 -20.14 0.98 2.79
C PRO A 533 -20.06 -0.49 2.37
N SER A 534 -19.63 -0.73 1.13
CA SER A 534 -19.29 -2.07 0.65
C SER A 534 -18.33 -2.06 -0.53
N LEU A 535 -17.65 -3.17 -0.75
CA LEU A 535 -16.85 -3.38 -1.94
C LEU A 535 -17.21 -4.72 -2.55
N LEU A 536 -17.28 -4.76 -3.87
CA LEU A 536 -17.57 -5.99 -4.58
C LEU A 536 -16.61 -6.16 -5.76
N LEU A 537 -15.81 -7.23 -5.70
CA LEU A 537 -14.93 -7.54 -6.81
C LEU A 537 -15.46 -8.75 -7.56
N VAL A 538 -15.73 -8.55 -8.85
CA VAL A 538 -16.06 -9.66 -9.73
C VAL A 538 -14.83 -9.98 -10.58
N HIS A 539 -14.37 -11.23 -10.45
CA HIS A 539 -13.16 -11.69 -11.10
C HIS A 539 -13.53 -12.74 -12.15
N VAL A 540 -13.20 -12.44 -13.40
CA VAL A 540 -13.52 -13.32 -14.53
C VAL A 540 -12.23 -13.77 -15.20
N CYS A 541 -12.03 -15.09 -15.25
CA CYS A 541 -10.75 -15.65 -15.67
C CYS A 541 -10.89 -16.85 -16.59
N ALA A 542 -10.09 -16.88 -17.65
CA ALA A 542 -9.93 -18.06 -18.49
C ALA A 542 -8.87 -18.97 -17.86
N ARG A 543 -8.86 -20.24 -18.26
CA ARG A 543 -7.99 -21.24 -17.66
C ARG A 543 -6.60 -21.27 -18.33
N PRO A 544 -5.54 -20.91 -17.57
CA PRO A 544 -4.17 -20.99 -18.11
C PRO A 544 -3.81 -22.44 -18.43
N GLU A 545 -2.93 -22.64 -19.40
CA GLU A 545 -2.51 -23.97 -19.83
C GLU A 545 -1.77 -24.72 -18.73
N LYS A 546 -0.96 -23.99 -17.95
CA LYS A 546 -0.19 -24.59 -16.85
C LYS A 546 -0.75 -24.19 -15.48
N PRO A 547 -0.56 -25.07 -14.46
CA PRO A 547 -0.91 -24.71 -13.08
C PRO A 547 -0.01 -23.60 -12.53
N PRO A 548 -0.36 -23.03 -11.37
CA PRO A 548 0.43 -21.94 -10.74
C PRO A 548 1.88 -22.31 -10.46
N GLY A 549 2.74 -21.31 -10.35
CA GLY A 549 4.14 -21.50 -10.00
C GLY A 549 4.33 -21.77 -8.51
N GLN A 550 5.57 -21.90 -8.10
CA GLN A 550 5.93 -22.24 -6.72
C GLN A 550 5.83 -21.04 -5.77
N VAL A 551 5.35 -21.30 -4.56
CA VAL A 551 5.43 -20.36 -3.44
C VAL A 551 6.90 -20.28 -2.98
N THR A 552 7.37 -19.08 -2.67
CA THR A 552 8.76 -18.86 -2.28
C THR A 552 8.84 -18.05 -0.98
N ARG A 553 10.06 -17.92 -0.46
CA ARG A 553 10.38 -17.09 0.70
C ARG A 553 9.48 -17.31 1.92
N LEU A 554 9.07 -18.55 2.13
CA LEU A 554 8.26 -18.92 3.28
C LEU A 554 9.10 -18.79 4.55
N ARG A 555 8.52 -18.14 5.56
CA ARG A 555 9.14 -18.09 6.89
C ARG A 555 8.10 -18.15 7.99
N ALA A 556 8.56 -18.53 9.18
CA ALA A 556 7.71 -18.72 10.34
C ALA A 556 8.16 -17.79 11.46
N LEU A 557 7.26 -16.90 11.89
CA LEU A 557 7.56 -15.97 12.96
C LEU A 557 6.75 -16.33 14.21
N PRO A 558 7.42 -16.41 15.38
CA PRO A 558 6.70 -16.72 16.61
C PRO A 558 5.79 -15.57 17.04
N LEU A 559 4.62 -15.90 17.56
CA LEU A 559 3.75 -14.89 18.17
C LEU A 559 3.78 -15.02 19.68
N THR A 560 3.52 -16.24 20.14
CA THR A 560 3.45 -16.60 21.55
C THR A 560 3.35 -18.11 21.60
N GLN A 561 3.38 -18.67 22.80
CA GLN A 561 3.25 -20.13 22.97
C GLN A 561 2.02 -20.66 22.22
N GLY A 562 2.24 -21.71 21.43
CA GLY A 562 1.18 -22.34 20.65
C GLY A 562 0.73 -21.62 19.39
N GLN A 563 1.40 -20.51 19.05
CA GLN A 563 0.99 -19.67 17.92
C GLN A 563 2.17 -19.17 17.09
N LEU A 564 2.01 -19.15 15.77
CA LEU A 564 3.00 -18.55 14.87
C LEU A 564 2.37 -17.93 13.63
N VAL A 565 3.09 -17.01 13.01
CA VAL A 565 2.71 -16.45 11.72
C VAL A 565 3.56 -17.08 10.63
N LEU A 566 2.89 -17.61 9.60
CA LEU A 566 3.54 -18.02 8.37
C LEU A 566 3.33 -16.94 7.32
N VAL A 567 4.42 -16.45 6.75
CA VAL A 567 4.39 -15.45 5.68
C VAL A 567 5.18 -15.99 4.49
N TRP A 568 4.70 -15.71 3.29
CA TRP A 568 5.37 -16.15 2.07
C TRP A 568 5.25 -15.12 0.95
N SER A 569 5.97 -15.39 -0.14
CA SER A 569 5.94 -14.54 -1.32
C SER A 569 5.18 -15.21 -2.46
N ASP A 570 4.47 -14.41 -3.25
CA ASP A 570 3.78 -14.89 -4.44
C ASP A 570 4.43 -14.42 -5.75
N GLU A 571 5.69 -13.98 -5.64
CA GLU A 571 6.42 -13.42 -6.79
C GLU A 571 6.44 -14.34 -8.02
N HIS A 572 6.43 -15.65 -7.78
CA HIS A 572 6.58 -16.64 -8.86
C HIS A 572 5.34 -17.50 -9.14
N VAL A 573 4.20 -17.17 -8.54
CA VAL A 573 2.98 -17.97 -8.76
C VAL A 573 2.44 -17.82 -10.20
N GLY A 574 2.63 -16.65 -10.79
CA GLY A 574 2.42 -16.45 -12.23
C GLY A 574 1.03 -16.10 -12.71
N SER A 575 0.07 -16.03 -11.79
CA SER A 575 -1.32 -15.69 -12.14
C SER A 575 -2.07 -15.18 -10.92
N LYS A 576 -3.14 -14.41 -11.18
CA LYS A 576 -3.96 -13.84 -10.12
C LYS A 576 -5.26 -14.61 -9.87
N CYS A 577 -5.42 -15.74 -10.56
N CYS A 577 -5.42 -15.73 -10.57
CA CYS A 577 -6.65 -16.53 -10.43
CA CYS A 577 -6.63 -16.54 -10.46
C CYS A 577 -6.51 -17.60 -9.37
C CYS A 577 -6.50 -17.61 -9.38
N LEU A 578 -6.29 -17.16 -8.13
CA LEU A 578 -6.07 -18.07 -7.01
C LEU A 578 -7.23 -18.09 -6.05
N TRP A 579 -7.67 -19.29 -5.68
CA TRP A 579 -8.71 -19.48 -4.69
C TRP A 579 -8.16 -19.36 -3.27
N THR A 580 -7.08 -20.10 -3.00
CA THR A 580 -6.46 -20.09 -1.67
C THR A 580 -5.00 -20.57 -1.72
N TYR A 581 -4.32 -20.43 -0.58
CA TYR A 581 -3.02 -21.07 -0.39
C TYR A 581 -3.16 -22.22 0.59
N GLU A 582 -2.96 -23.44 0.08
CA GLU A 582 -3.04 -24.64 0.90
C GLU A 582 -1.77 -24.78 1.74
N ILE A 583 -1.96 -24.90 3.05
CA ILE A 583 -0.84 -25.06 3.99
C ILE A 583 -0.83 -26.48 4.54
N GLN A 584 0.36 -27.08 4.58
CA GLN A 584 0.54 -28.40 5.16
C GLN A 584 1.52 -28.39 6.33
N PHE A 585 1.32 -29.32 7.25
CA PHE A 585 2.13 -29.39 8.47
C PHE A 585 2.65 -30.81 8.66
N SER A 586 3.91 -30.92 9.04
CA SER A 586 4.53 -32.21 9.33
C SER A 586 5.09 -32.24 10.74
N GLN A 587 4.49 -33.09 11.58
CA GLN A 587 4.98 -33.37 12.92
C GLN A 587 5.92 -34.56 12.81
N ASP A 588 5.33 -35.73 12.56
CA ASP A 588 6.04 -37.01 12.50
C ASP A 588 6.91 -37.11 11.25
N GLY A 589 8.20 -37.38 11.46
CA GLY A 589 9.17 -37.48 10.37
C GLY A 589 8.97 -36.39 9.34
N LYS A 590 8.67 -36.80 8.11
CA LYS A 590 8.32 -35.87 7.03
C LYS A 590 7.12 -36.34 6.20
N ALA A 591 6.00 -36.53 6.88
CA ALA A 591 4.71 -36.77 6.23
C ALA A 591 3.81 -35.58 6.48
N TYR A 592 3.41 -34.90 5.41
CA TYR A 592 2.65 -33.66 5.51
C TYR A 592 1.14 -33.87 5.39
N THR A 593 0.39 -33.12 6.18
CA THR A 593 -1.07 -33.20 6.18
C THR A 593 -1.66 -31.78 6.08
N PRO A 594 -2.86 -31.66 5.47
CA PRO A 594 -3.46 -30.34 5.30
C PRO A 594 -3.73 -29.63 6.62
N VAL A 595 -3.63 -28.31 6.60
CA VAL A 595 -4.09 -27.48 7.71
C VAL A 595 -5.39 -26.83 7.24
N SER A 596 -6.51 -27.26 7.82
CA SER A 596 -7.83 -26.75 7.44
C SER A 596 -8.01 -25.29 7.81
N ARG A 597 -8.50 -24.50 6.84
CA ARG A 597 -8.72 -23.07 7.04
C ARG A 597 -9.67 -22.46 6.01
N LYS A 598 -10.24 -21.31 6.36
CA LYS A 598 -11.02 -20.49 5.43
C LYS A 598 -10.12 -20.14 4.25
N PRO A 599 -10.67 -20.19 3.03
CA PRO A 599 -9.90 -19.76 1.85
C PRO A 599 -9.44 -18.31 1.98
N SER A 600 -8.20 -18.06 1.59
CA SER A 600 -7.62 -16.72 1.60
C SER A 600 -6.52 -16.62 0.56
N THR A 601 -6.36 -15.45 -0.03
CA THR A 601 -5.29 -15.20 -0.99
C THR A 601 -4.20 -14.32 -0.38
N PHE A 602 -4.48 -13.77 0.79
CA PHE A 602 -3.51 -12.98 1.56
C PHE A 602 -2.30 -13.85 1.87
N ASN A 603 -1.10 -13.32 1.63
CA ASN A 603 0.14 -14.12 1.70
C ASN A 603 0.66 -14.34 3.13
N LEU A 604 -0.27 -14.48 4.06
CA LEU A 604 0.06 -14.63 5.48
C LEU A 604 -1.07 -15.40 6.17
N PHE A 605 -0.70 -16.24 7.14
CA PHE A 605 -1.66 -16.99 7.94
C PHE A 605 -1.16 -17.16 9.36
N VAL A 606 -1.95 -16.70 10.33
CA VAL A 606 -1.68 -16.93 11.74
C VAL A 606 -2.17 -18.32 12.09
N PHE A 607 -1.24 -19.22 12.43
CA PHE A 607 -1.59 -20.58 12.81
C PHE A 607 -1.71 -20.66 14.32
N SER A 608 -2.93 -20.96 14.78
CA SER A 608 -3.24 -21.05 16.19
C SER A 608 -4.14 -22.27 16.47
N PRO A 609 -3.55 -23.49 16.45
CA PRO A 609 -4.35 -24.70 16.67
C PRO A 609 -4.84 -24.80 18.12
N ASP A 610 -5.96 -25.50 18.30
CA ASP A 610 -6.57 -25.66 19.64
C ASP A 610 -5.69 -26.46 20.60
N THR A 611 -4.81 -27.29 20.05
CA THR A 611 -3.92 -28.15 20.84
C THR A 611 -2.62 -27.43 21.22
N GLY A 612 -2.31 -26.35 20.50
CA GLY A 612 -1.08 -25.59 20.71
C GLY A 612 0.15 -26.23 20.09
N ALA A 613 -0.03 -27.33 19.38
CA ALA A 613 1.07 -28.08 18.76
C ALA A 613 1.51 -27.44 17.45
N VAL A 614 2.60 -26.69 17.50
CA VAL A 614 3.08 -25.94 16.33
C VAL A 614 4.48 -26.31 15.85
N SER A 615 5.23 -27.02 16.69
CA SER A 615 6.60 -27.43 16.35
C SER A 615 6.62 -28.54 15.29
N GLY A 616 7.36 -28.27 14.22
CA GLY A 616 7.47 -29.20 13.09
C GLY A 616 7.84 -28.47 11.81
N SER A 617 7.37 -28.96 10.67
CA SER A 617 7.66 -28.35 9.38
C SER A 617 6.40 -27.94 8.63
N TYR A 618 6.51 -26.84 7.90
CA TYR A 618 5.38 -26.28 7.15
C TYR A 618 5.76 -26.08 5.69
N ARG A 619 4.79 -26.28 4.80
CA ARG A 619 4.95 -25.98 3.38
C ARG A 619 3.64 -25.42 2.82
N VAL A 620 3.76 -24.53 1.83
CA VAL A 620 2.61 -23.84 1.27
C VAL A 620 2.60 -23.98 -0.25
N ARG A 621 1.43 -24.20 -0.83
CA ARG A 621 1.27 -24.15 -2.27
C ARG A 621 0.03 -23.34 -2.67
N ALA A 622 0.07 -22.80 -3.88
CA ALA A 622 -1.05 -22.08 -4.45
C ALA A 622 -2.11 -23.04 -5.02
N LEU A 623 -3.38 -22.65 -4.89
CA LEU A 623 -4.48 -23.40 -5.50
C LEU A 623 -5.31 -22.46 -6.38
N ASP A 624 -5.48 -22.82 -7.65
CA ASP A 624 -6.19 -21.93 -8.58
C ASP A 624 -7.69 -22.19 -8.63
N TYR A 625 -8.40 -21.43 -9.46
CA TYR A 625 -9.86 -21.52 -9.56
C TYR A 625 -10.36 -22.87 -10.10
N TRP A 626 -9.45 -23.66 -10.66
CA TRP A 626 -9.81 -24.95 -11.27
C TRP A 626 -9.34 -26.11 -10.43
N ALA A 627 -9.04 -25.81 -9.16
CA ALA A 627 -8.57 -26.80 -8.19
C ALA A 627 -7.22 -27.42 -8.55
N ARG A 628 -6.45 -26.73 -9.38
CA ARG A 628 -5.10 -27.18 -9.73
C ARG A 628 -4.10 -26.57 -8.76
N PRO A 629 -3.27 -27.43 -8.13
CA PRO A 629 -2.27 -26.92 -7.20
C PRO A 629 -0.97 -26.55 -7.89
N GLY A 630 -0.31 -25.52 -7.37
CA GLY A 630 1.07 -25.23 -7.76
C GLY A 630 2.01 -26.14 -6.98
N PRO A 631 3.31 -26.14 -7.34
CA PRO A 631 4.25 -26.92 -6.54
C PRO A 631 4.40 -26.35 -5.13
N PHE A 632 4.70 -27.21 -4.16
CA PHE A 632 4.91 -26.78 -2.79
C PHE A 632 6.16 -25.91 -2.65
N SER A 633 6.09 -24.93 -1.76
CA SER A 633 7.25 -24.18 -1.35
C SER A 633 8.25 -25.13 -0.71
N ASP A 634 9.51 -24.70 -0.66
CA ASP A 634 10.49 -25.37 0.18
C ASP A 634 9.99 -25.35 1.63
N PRO A 635 10.10 -26.49 2.35
CA PRO A 635 9.59 -26.55 3.71
C PRO A 635 10.36 -25.67 4.69
N VAL A 636 9.68 -25.21 5.73
CA VAL A 636 10.29 -24.38 6.76
C VAL A 636 10.12 -25.03 8.14
N PRO A 637 11.24 -25.31 8.81
CA PRO A 637 11.19 -25.88 10.16
C PRO A 637 10.83 -24.84 11.21
N TYR A 638 10.11 -25.26 12.24
CA TYR A 638 9.78 -24.41 13.37
C TYR A 638 9.79 -25.21 14.66
N LEU A 639 10.38 -24.62 15.70
CA LEU A 639 10.44 -25.22 17.02
C LEU A 639 10.28 -24.13 18.08
N GLU A 640 9.33 -24.33 18.99
CA GLU A 640 9.13 -23.41 20.11
C GLU A 640 10.28 -23.52 21.11
#